data_4R5G
#
_entry.id   4R5G
#
_cell.length_a   91.778
_cell.length_b   91.778
_cell.length_c   136.888
_cell.angle_alpha   90.00
_cell.angle_beta   90.00
_cell.angle_gamma   90.00
#
_symmetry.space_group_name_H-M   'P 43 21 2'
#
loop_
_entity.id
_entity.type
_entity.pdbx_description
1 polymer 'Chaperone protein DnaK'
2 non-polymer triphenyl(phenylethynyl)phosphonium
3 water water
#
_entity_poly.entity_id   1
_entity_poly.type   'polypeptide(L)'
_entity_poly.pdbx_seq_one_letter_code
;MHHHHHHIEGRVLLLDVTPLSLGIETMGGVMTTLIAKNTTIPTKHSQVFSTAEDNQSAVTIHVLQGERKRAADNKSLGQF
NLDGINPAPRGMPQIEVTFDIDADGILHVSAKDKNSGKEQKITIKASSGLNEDEIQKMVRDAEANAEADRKFEELVQTRN
QGDHLLHSTRKQVEEAGDKLPADDKTAIESALTALETALKGEDKAAIEAKMQELAQVSQKLMEIAQQQHA
;
_entity_poly.pdbx_strand_id   A,B
#
loop_
_chem_comp.id
_chem_comp.type
_chem_comp.name
_chem_comp.formula
3JE non-polymer triphenyl(phenylethynyl)phosphonium 'C26 H20 P 1'
#
# COMPACT_ATOMS: atom_id res chain seq x y z
N MET A 1 6.85 -14.48 -56.55
CA MET A 1 8.17 -15.10 -56.52
C MET A 1 9.28 -14.06 -56.67
N HIS A 2 9.72 -13.48 -55.56
CA HIS A 2 9.20 -13.81 -54.23
C HIS A 2 9.16 -12.58 -53.33
N HIS A 3 8.88 -12.81 -52.05
CA HIS A 3 8.85 -11.75 -51.03
C HIS A 3 7.90 -10.62 -51.38
N HIS A 4 6.62 -10.91 -51.42
CA HIS A 4 5.60 -9.90 -51.67
C HIS A 4 4.94 -9.52 -50.35
N HIS A 5 5.23 -8.31 -49.86
CA HIS A 5 4.78 -7.92 -48.54
C HIS A 5 4.37 -6.45 -48.45
N HIS A 6 3.55 -6.16 -47.44
CA HIS A 6 3.15 -4.78 -47.16
C HIS A 6 3.20 -4.54 -45.66
N HIS A 7 2.89 -3.31 -45.26
CA HIS A 7 2.98 -2.87 -43.87
C HIS A 7 1.82 -3.34 -42.98
N ILE A 8 1.88 -2.96 -41.70
CA ILE A 8 0.94 -3.46 -40.70
C ILE A 8 0.31 -2.35 -39.86
N GLU A 9 -0.74 -2.71 -39.14
CA GLU A 9 -1.41 -1.80 -38.22
C GLU A 9 -1.86 -2.58 -36.99
N GLY A 10 -2.64 -1.94 -36.13
CA GLY A 10 -3.21 -2.60 -34.97
C GLY A 10 -4.09 -3.77 -35.37
N ARG A 11 -4.17 -4.78 -34.51
CA ARG A 11 -4.89 -6.01 -34.80
C ARG A 11 -6.33 -5.78 -35.23
N LEU A 14 -10.59 -5.70 -33.84
CA LEU A 14 -9.45 -5.26 -33.05
C LEU A 14 -9.68 -5.50 -31.56
N LEU A 15 -8.77 -6.25 -30.93
CA LEU A 15 -8.78 -6.39 -29.49
C LEU A 15 -8.31 -5.06 -28.91
N ASP A 16 -9.11 -4.48 -28.03
CA ASP A 16 -8.98 -3.08 -27.68
C ASP A 16 -7.63 -2.64 -27.10
N VAL A 17 -7.25 -1.41 -27.42
CA VAL A 17 -6.05 -0.79 -26.91
C VAL A 17 -6.25 -0.37 -25.45
N THR A 18 -5.14 -0.16 -24.74
CA THR A 18 -5.22 0.41 -23.40
C THR A 18 -5.72 1.84 -23.49
N PRO A 19 -6.68 2.20 -22.63
CA PRO A 19 -7.17 3.58 -22.58
C PRO A 19 -6.09 4.53 -22.08
N LEU A 20 -5.37 4.11 -21.05
CA LEU A 20 -4.35 4.94 -20.42
C LEU A 20 -3.08 4.14 -20.11
N SER A 21 -1.95 4.83 -20.05
CA SER A 21 -0.67 4.18 -19.81
C SER A 21 -0.61 3.52 -18.44
N LEU A 22 0.11 2.41 -18.37
CA LEU A 22 0.28 1.67 -17.12
C LEU A 22 1.74 1.68 -16.72
N GLY A 23 1.99 1.53 -15.43
CA GLY A 23 3.36 1.48 -14.93
C GLY A 23 3.37 1.45 -13.42
N ILE A 24 4.56 1.45 -12.83
CA ILE A 24 4.67 1.43 -11.39
C ILE A 24 5.26 2.72 -10.86
N GLU A 25 5.36 2.79 -9.54
CA GLU A 25 5.90 3.97 -8.88
C GLU A 25 7.34 3.68 -8.51
N THR A 26 8.24 4.61 -8.80
CA THR A 26 9.64 4.48 -8.42
C THR A 26 10.01 5.55 -7.39
N MET A 27 11.28 5.57 -6.99
CA MET A 27 11.73 6.47 -5.93
C MET A 27 11.53 7.93 -6.24
N GLY A 28 11.02 8.67 -5.27
CA GLY A 28 10.73 10.08 -5.44
C GLY A 28 9.24 10.28 -5.66
N GLY A 29 8.49 9.19 -5.56
CA GLY A 29 7.05 9.22 -5.76
C GLY A 29 6.72 9.55 -7.21
N VAL A 30 7.50 9.00 -8.14
CA VAL A 30 7.32 9.31 -9.55
C VAL A 30 6.92 8.05 -10.33
N MET A 31 6.10 8.24 -11.36
CA MET A 31 5.61 7.13 -12.17
C MET A 31 6.47 6.90 -13.40
N THR A 32 6.83 5.64 -13.63
CA THR A 32 7.53 5.25 -14.85
C THR A 32 6.65 4.29 -15.63
N THR A 33 6.28 4.68 -16.85
CA THR A 33 5.29 3.94 -17.62
C THR A 33 5.88 2.69 -18.25
N LEU A 34 5.38 1.52 -17.85
CA LEU A 34 5.85 0.25 -18.41
C LEU A 34 5.03 -0.21 -19.61
N ILE A 35 3.85 0.37 -19.79
CA ILE A 35 3.05 0.14 -20.99
C ILE A 35 2.46 1.45 -21.47
N ALA A 36 2.86 1.86 -22.66
CA ALA A 36 2.43 3.15 -23.20
C ALA A 36 0.94 3.14 -23.49
N LYS A 37 0.34 4.34 -23.47
CA LYS A 37 -1.08 4.47 -23.78
C LYS A 37 -1.40 3.92 -25.15
N ASN A 38 -2.55 3.27 -25.27
CA ASN A 38 -3.02 2.75 -26.55
C ASN A 38 -2.10 1.67 -27.14
N THR A 39 -1.68 0.75 -26.28
CA THR A 39 -0.93 -0.42 -26.70
C THR A 39 -1.90 -1.56 -26.99
N THR A 40 -1.95 -2.01 -28.24
CA THR A 40 -2.81 -3.13 -28.61
C THR A 40 -2.39 -4.39 -27.87
N ILE A 41 -3.34 -5.04 -27.22
CA ILE A 41 -3.05 -6.21 -26.41
C ILE A 41 -3.36 -7.47 -27.24
N PRO A 42 -3.02 -8.67 -26.75
CA PRO A 42 -2.23 -9.06 -25.57
C PRO A 42 -0.80 -8.51 -25.58
N THR A 43 -0.37 -7.96 -24.45
CA THR A 43 0.90 -7.26 -24.37
C THR A 43 1.70 -7.64 -23.12
N LYS A 44 2.96 -8.04 -23.32
CA LYS A 44 3.80 -8.40 -22.19
C LYS A 44 5.12 -7.63 -22.21
N HIS A 45 5.30 -6.75 -21.24
CA HIS A 45 6.51 -5.94 -21.14
C HIS A 45 7.37 -6.34 -19.94
N SER A 46 8.62 -6.68 -20.21
CA SER A 46 9.56 -7.03 -19.15
C SER A 46 10.64 -5.97 -19.00
N GLN A 47 10.90 -5.54 -17.78
CA GLN A 47 11.93 -4.53 -17.52
C GLN A 47 12.48 -4.74 -16.12
N VAL A 48 13.76 -4.41 -15.91
CA VAL A 48 14.44 -4.76 -14.67
C VAL A 48 14.80 -3.53 -13.81
N PHE A 49 14.11 -3.38 -12.68
CA PHE A 49 14.40 -2.30 -11.73
C PHE A 49 15.28 -2.84 -10.61
N SER A 50 15.49 -2.02 -9.57
CA SER A 50 16.21 -2.48 -8.39
C SER A 50 16.13 -1.55 -7.18
N THR A 51 16.79 -1.97 -6.11
CA THR A 51 16.73 -1.37 -4.78
C THR A 51 17.16 0.09 -4.70
N ALA A 52 16.46 0.87 -3.88
CA ALA A 52 16.83 2.25 -3.59
C ALA A 52 17.91 2.40 -2.51
N GLU A 53 17.82 1.59 -1.46
CA GLU A 53 18.68 1.77 -0.29
C GLU A 53 19.45 0.51 0.11
N ASP A 54 20.47 0.68 0.95
CA ASP A 54 21.33 -0.43 1.37
C ASP A 54 20.59 -1.55 2.10
N ASN A 55 20.88 -2.79 1.71
CA ASN A 55 20.55 -3.95 2.53
C ASN A 55 19.07 -4.23 2.76
N GLN A 56 18.21 -3.35 2.26
CA GLN A 56 16.77 -3.50 2.45
C GLN A 56 16.33 -4.90 1.98
N SER A 57 15.52 -5.55 2.81
CA SER A 57 15.18 -6.95 2.58
C SER A 57 13.89 -7.12 1.78
N ALA A 58 13.20 -6.02 1.51
CA ALA A 58 11.98 -6.11 0.72
C ALA A 58 11.82 -4.96 -0.26
N VAL A 59 10.76 -5.03 -1.06
CA VAL A 59 10.51 -4.08 -2.12
C VAL A 59 9.01 -3.97 -2.35
N THR A 60 8.51 -2.76 -2.61
CA THR A 60 7.10 -2.60 -2.88
C THR A 60 6.84 -2.23 -4.33
N ILE A 61 5.78 -2.82 -4.89
CA ILE A 61 5.35 -2.53 -6.25
C ILE A 61 3.96 -1.92 -6.21
N HIS A 62 3.85 -0.69 -6.68
CA HIS A 62 2.60 0.05 -6.65
C HIS A 62 2.16 0.32 -8.07
N VAL A 63 1.07 -0.32 -8.49
CA VAL A 63 0.60 -0.22 -9.87
C VAL A 63 -0.14 1.09 -10.11
N LEU A 64 0.03 1.67 -11.30
CA LEU A 64 -0.57 2.96 -11.61
C LEU A 64 -1.22 2.97 -13.00
N GLN A 65 -2.02 4.00 -13.24
CA GLN A 65 -2.63 4.25 -14.54
C GLN A 65 -2.69 5.76 -14.66
N GLY A 66 -3.38 6.28 -15.66
CA GLY A 66 -3.61 7.71 -15.72
C GLY A 66 -2.33 8.49 -15.93
N GLU A 67 -1.66 8.25 -17.06
CA GLU A 67 -0.29 8.72 -17.26
C GLU A 67 -0.08 10.19 -16.90
N ARG A 68 0.93 10.40 -16.07
CA ARG A 68 1.28 11.69 -15.51
C ARG A 68 2.43 11.36 -14.58
N LYS A 69 3.24 12.35 -14.24
CA LYS A 69 4.28 12.13 -13.24
C LYS A 69 3.62 12.25 -11.87
N ARG A 70 4.41 12.14 -10.80
CA ARG A 70 3.87 12.25 -9.45
C ARG A 70 2.76 11.23 -9.22
N ALA A 71 3.17 9.98 -9.01
CA ALA A 71 2.26 8.83 -8.97
C ALA A 71 1.00 9.07 -8.13
N ALA A 72 1.12 9.86 -7.08
CA ALA A 72 -0.01 10.23 -6.24
C ALA A 72 -1.09 11.01 -7.01
N ASP A 73 -0.73 11.57 -8.16
CA ASP A 73 -1.68 12.32 -8.97
C ASP A 73 -2.34 11.49 -10.06
N ASN A 74 -2.03 10.20 -10.09
CA ASN A 74 -2.50 9.36 -11.19
C ASN A 74 -3.70 8.50 -10.81
N LYS A 75 -3.41 7.40 -10.11
CA LYS A 75 -4.41 6.40 -9.72
C LYS A 75 -3.66 5.26 -9.05
N SER A 76 -4.38 4.35 -8.42
CA SER A 76 -3.76 3.13 -7.92
C SER A 76 -4.61 1.92 -8.28
N LEU A 77 -4.06 1.04 -9.12
CA LEU A 77 -4.78 -0.16 -9.52
C LEU A 77 -4.64 -1.25 -8.46
N GLY A 78 -3.43 -1.38 -7.95
CA GLY A 78 -3.13 -2.41 -6.96
C GLY A 78 -1.77 -2.15 -6.34
N GLN A 79 -1.37 -3.03 -5.44
CA GLN A 79 -0.09 -2.88 -4.75
C GLN A 79 0.33 -4.23 -4.20
N PHE A 80 1.63 -4.44 -3.98
CA PHE A 80 2.11 -5.62 -3.25
C PHE A 80 3.59 -5.56 -2.86
N ASN A 81 4.05 -6.59 -2.18
CA ASN A 81 5.42 -6.64 -1.68
C ASN A 81 6.19 -7.86 -2.18
N LEU A 82 7.52 -7.76 -2.16
CA LEU A 82 8.40 -8.90 -2.36
C LEU A 82 9.45 -8.82 -1.26
N ASP A 83 9.49 -9.82 -0.38
CA ASP A 83 10.39 -9.76 0.77
C ASP A 83 11.34 -10.95 0.84
N GLY A 84 12.14 -11.00 1.89
CA GLY A 84 13.06 -12.10 2.12
C GLY A 84 14.29 -12.03 1.24
N ILE A 85 14.46 -10.89 0.59
CA ILE A 85 15.57 -10.70 -0.35
C ILE A 85 16.88 -10.47 0.38
N ASN A 86 17.98 -10.81 -0.28
CA ASN A 86 19.30 -10.85 0.35
C ASN A 86 19.95 -9.47 0.43
N PRO A 87 20.83 -9.24 1.43
CA PRO A 87 21.28 -7.86 1.58
C PRO A 87 22.24 -7.46 0.48
N ALA A 88 22.03 -6.28 -0.09
CA ALA A 88 22.95 -5.75 -1.08
C ALA A 88 22.98 -4.24 -0.93
N PRO A 89 24.10 -3.63 -1.31
CA PRO A 89 24.18 -2.17 -1.25
C PRO A 89 23.11 -1.53 -2.12
N ARG A 90 22.83 -0.25 -1.89
CA ARG A 90 21.77 0.45 -2.60
C ARG A 90 21.96 0.30 -4.10
N GLY A 91 20.93 -0.19 -4.78
CA GLY A 91 21.01 -0.45 -6.19
C GLY A 91 21.64 -1.80 -6.50
N MET A 92 21.30 -2.32 -7.67
CA MET A 92 21.87 -3.56 -8.22
C MET A 92 21.79 -4.86 -7.40
N PRO A 93 20.63 -5.16 -6.82
CA PRO A 93 20.26 -6.56 -6.94
C PRO A 93 19.45 -6.64 -8.22
N GLN A 94 19.02 -7.81 -8.66
CA GLN A 94 18.22 -7.85 -9.87
C GLN A 94 16.80 -8.29 -9.59
N ILE A 95 15.88 -7.33 -9.64
CA ILE A 95 14.47 -7.66 -9.58
C ILE A 95 13.89 -7.45 -10.97
N GLU A 96 13.03 -8.36 -11.38
CA GLU A 96 12.49 -8.32 -12.72
C GLU A 96 11.00 -8.03 -12.64
N VAL A 97 10.58 -6.92 -13.24
CA VAL A 97 9.16 -6.58 -13.26
C VAL A 97 8.55 -6.88 -14.61
N THR A 98 7.45 -7.62 -14.60
CA THR A 98 6.76 -8.01 -15.81
C THR A 98 5.30 -7.60 -15.76
N PHE A 99 4.86 -6.91 -16.81
CA PHE A 99 3.47 -6.52 -16.97
C PHE A 99 2.87 -7.35 -18.09
N ASP A 100 1.85 -8.14 -17.78
CA ASP A 100 1.20 -8.94 -18.80
C ASP A 100 -0.27 -8.55 -18.90
N ILE A 101 -0.78 -8.49 -20.12
CA ILE A 101 -2.19 -8.30 -20.36
C ILE A 101 -2.64 -9.29 -21.43
N ASP A 102 -3.57 -10.16 -21.07
CA ASP A 102 -4.09 -11.14 -22.02
C ASP A 102 -5.23 -10.55 -22.84
N ALA A 103 -5.92 -11.40 -23.57
CA ALA A 103 -7.02 -10.97 -24.42
C ALA A 103 -8.19 -10.36 -23.63
N ASP A 104 -8.30 -10.73 -22.36
CA ASP A 104 -9.40 -10.27 -21.53
C ASP A 104 -9.08 -8.95 -20.82
N GLY A 105 -7.89 -8.42 -21.04
CA GLY A 105 -7.50 -7.14 -20.46
C GLY A 105 -7.24 -7.22 -18.97
N ILE A 106 -7.24 -8.44 -18.44
CA ILE A 106 -6.93 -8.65 -17.03
C ILE A 106 -5.43 -8.52 -16.79
N LEU A 107 -5.04 -7.72 -15.80
CA LEU A 107 -3.61 -7.37 -15.68
C LEU A 107 -2.83 -8.31 -14.76
N HIS A 108 -1.61 -8.67 -15.17
CA HIS A 108 -0.76 -9.50 -14.32
C HIS A 108 0.55 -8.76 -14.06
N VAL A 109 0.84 -8.42 -12.80
CA VAL A 109 2.15 -7.83 -12.48
C VAL A 109 3.00 -8.84 -11.72
N SER A 110 4.25 -9.00 -12.11
CA SER A 110 5.13 -9.93 -11.39
C SER A 110 6.50 -9.34 -11.10
N ALA A 111 7.08 -9.76 -9.98
CA ALA A 111 8.43 -9.35 -9.61
C ALA A 111 9.26 -10.56 -9.22
N LYS A 112 10.41 -10.74 -9.87
CA LYS A 112 11.25 -11.91 -9.63
C LYS A 112 12.64 -11.50 -9.18
N ASP A 113 13.42 -12.44 -8.66
CA ASP A 113 14.77 -12.15 -8.21
C ASP A 113 15.74 -13.09 -8.91
N LYS A 114 16.88 -12.56 -9.37
CA LYS A 114 17.87 -13.38 -10.09
C LYS A 114 18.38 -14.52 -9.22
N ASN A 115 18.99 -14.16 -8.09
CA ASN A 115 19.25 -15.12 -7.02
C ASN A 115 17.95 -15.21 -6.26
N SER A 116 17.94 -15.84 -5.08
CA SER A 116 16.67 -16.01 -4.38
C SER A 116 15.75 -16.77 -5.33
N GLY A 117 14.76 -16.08 -5.86
CA GLY A 117 13.80 -16.70 -6.75
C GLY A 117 12.47 -16.74 -6.04
N LYS A 118 12.46 -16.17 -4.84
CA LYS A 118 11.21 -15.88 -4.17
C LYS A 118 10.59 -14.76 -4.97
N GLU A 119 9.37 -15.00 -5.46
CA GLU A 119 8.70 -14.01 -6.27
C GLU A 119 7.25 -13.90 -5.86
N GLN A 120 6.64 -12.78 -6.20
CA GLN A 120 5.22 -12.59 -5.98
C GLN A 120 4.60 -12.24 -7.31
N LYS A 121 3.32 -11.90 -7.29
CA LYS A 121 2.59 -11.59 -8.51
C LYS A 121 1.18 -11.19 -8.12
N ILE A 122 0.52 -10.44 -9.00
CA ILE A 122 -0.87 -10.07 -8.81
C ILE A 122 -1.61 -10.20 -10.12
N THR A 123 -2.90 -10.47 -10.01
CA THR A 123 -3.77 -10.61 -11.17
C THR A 123 -5.05 -9.81 -10.88
N ILE A 124 -5.30 -8.80 -11.71
CA ILE A 124 -6.37 -7.83 -11.50
C ILE A 124 -7.47 -7.99 -12.53
N LYS A 125 -8.67 -8.29 -12.03
CA LYS A 125 -9.83 -8.69 -12.83
C LYS A 125 -10.76 -7.54 -13.22
N ALA A 126 -10.48 -6.34 -12.74
CA ALA A 126 -11.28 -5.16 -13.10
C ALA A 126 -12.77 -5.35 -12.81
N SER A 127 -13.55 -5.42 -13.88
CA SER A 127 -15.02 -5.62 -13.87
C SER A 127 -15.79 -4.30 -13.73
N SER A 128 -15.07 -3.23 -13.46
CA SER A 128 -15.68 -1.91 -13.37
C SER A 128 -15.01 -0.97 -14.38
N GLY A 129 -13.77 -0.59 -14.08
CA GLY A 129 -13.03 0.30 -14.94
C GLY A 129 -13.61 1.69 -14.95
N LEU A 130 -13.45 2.39 -16.07
CA LEU A 130 -13.95 3.75 -16.19
C LEU A 130 -14.51 4.02 -17.58
N ASN A 131 -14.97 5.25 -17.79
CA ASN A 131 -15.61 5.63 -19.05
C ASN A 131 -14.82 6.73 -19.76
N GLU A 132 -15.07 6.86 -21.06
CA GLU A 132 -14.32 7.79 -21.91
C GLU A 132 -14.23 9.20 -21.33
N ASP A 133 -15.30 9.66 -20.70
CA ASP A 133 -15.34 10.97 -20.07
C ASP A 133 -14.20 11.16 -19.06
N GLU A 134 -14.22 10.33 -18.03
CA GLU A 134 -13.23 10.39 -16.95
C GLU A 134 -11.79 10.36 -17.48
N ILE A 135 -11.48 9.37 -18.30
CA ILE A 135 -10.13 9.23 -18.86
C ILE A 135 -9.75 10.43 -19.73
N GLN A 136 -10.73 11.02 -20.41
CA GLN A 136 -10.47 12.22 -21.20
C GLN A 136 -10.15 13.40 -20.29
N LYS A 137 -10.80 13.45 -19.13
CA LYS A 137 -10.49 14.47 -18.14
C LYS A 137 -9.07 14.27 -17.61
N MET A 138 -8.69 13.01 -17.44
CA MET A 138 -7.34 12.67 -16.98
C MET A 138 -6.29 13.07 -18.01
N VAL A 139 -6.57 12.82 -19.28
CA VAL A 139 -5.66 13.17 -20.36
C VAL A 139 -5.52 14.68 -20.48
N ARG A 140 -6.65 15.38 -20.43
CA ARG A 140 -6.65 16.84 -20.50
C ARG A 140 -5.84 17.44 -19.35
N ASP A 141 -6.15 16.99 -18.13
CA ASP A 141 -5.44 17.46 -16.95
C ASP A 141 -3.95 17.12 -17.02
N ALA A 142 -3.62 16.04 -17.72
CA ALA A 142 -2.24 15.62 -17.89
C ALA A 142 -1.50 16.54 -18.86
N GLU A 143 -2.12 16.84 -20.00
CA GLU A 143 -1.48 17.67 -21.01
C GLU A 143 -1.50 19.16 -20.65
N ALA A 144 -2.31 19.51 -19.65
CA ALA A 144 -2.25 20.85 -19.09
C ALA A 144 -1.08 21.00 -18.12
N ASN A 145 -0.83 19.92 -17.38
CA ASN A 145 0.19 19.92 -16.32
C ASN A 145 1.57 19.42 -16.75
N ALA A 146 1.75 19.16 -18.05
CA ALA A 146 3.00 18.61 -18.59
C ALA A 146 4.26 19.32 -18.08
N GLU A 147 4.19 20.65 -17.99
CA GLU A 147 5.30 21.45 -17.49
C GLU A 147 5.73 21.03 -16.08
N ALA A 148 4.85 21.25 -15.12
CA ALA A 148 5.12 20.90 -13.72
C ALA A 148 5.38 19.40 -13.55
N ASP A 149 4.93 18.61 -14.52
CA ASP A 149 5.13 17.17 -14.49
C ASP A 149 6.58 16.85 -14.78
N ARG A 150 7.03 17.17 -16.00
CA ARG A 150 8.42 16.95 -16.38
C ARG A 150 9.39 17.62 -15.41
N LYS A 151 9.06 18.84 -15.01
CA LYS A 151 9.85 19.56 -14.02
C LYS A 151 9.94 18.75 -12.72
N PHE A 152 8.81 18.20 -12.29
CA PHE A 152 8.80 17.36 -11.10
C PHE A 152 9.68 16.12 -11.27
N GLU A 153 9.70 15.57 -12.48
CA GLU A 153 10.56 14.42 -12.77
C GLU A 153 12.02 14.80 -12.56
N GLU A 154 12.40 15.96 -13.11
CA GLU A 154 13.75 16.48 -12.91
C GLU A 154 14.06 16.62 -11.42
N LEU A 155 13.14 17.22 -10.68
CA LEU A 155 13.33 17.41 -9.24
C LEU A 155 13.51 16.08 -8.53
N VAL A 156 12.75 15.06 -8.94
CA VAL A 156 12.86 13.75 -8.32
C VAL A 156 14.23 13.16 -8.56
N GLN A 157 14.69 13.23 -9.81
CA GLN A 157 16.05 12.79 -10.12
C GLN A 157 17.07 13.46 -9.21
N THR A 158 16.96 14.78 -9.08
CA THR A 158 17.87 15.56 -8.26
C THR A 158 17.83 15.18 -6.77
N ARG A 159 16.63 15.19 -6.19
CA ARG A 159 16.44 14.86 -4.79
C ARG A 159 16.89 13.44 -4.48
N ASN A 160 16.79 12.58 -5.49
CA ASN A 160 17.30 11.22 -5.37
C ASN A 160 18.82 11.23 -5.28
N GLN A 161 19.45 11.98 -6.19
CA GLN A 161 20.91 12.10 -6.16
C GLN A 161 21.42 12.69 -4.85
N GLY A 162 20.72 13.71 -4.35
CA GLY A 162 21.12 14.39 -3.13
C GLY A 162 20.88 13.57 -1.88
N ASP A 163 19.76 12.85 -1.85
CA ASP A 163 19.45 11.97 -0.73
C ASP A 163 20.45 10.83 -0.67
N HIS A 164 20.70 10.21 -1.82
CA HIS A 164 21.67 9.12 -1.92
C HIS A 164 23.06 9.59 -1.49
N LEU A 165 23.47 10.74 -2.00
CA LEU A 165 24.77 11.32 -1.64
C LEU A 165 24.83 11.64 -0.15
N LEU A 166 23.70 12.05 0.42
CA LEU A 166 23.64 12.41 1.83
C LEU A 166 23.79 11.19 2.73
N HIS A 167 23.02 10.14 2.44
CA HIS A 167 23.12 8.90 3.20
C HIS A 167 24.50 8.28 3.03
N SER A 168 25.07 8.45 1.84
CA SER A 168 26.42 7.97 1.58
C SER A 168 27.44 8.80 2.35
N THR A 169 27.08 10.04 2.67
CA THR A 169 27.94 10.90 3.48
C THR A 169 27.85 10.52 4.95
N ARG A 170 26.65 10.14 5.39
CA ARG A 170 26.46 9.65 6.75
C ARG A 170 27.24 8.36 6.93
N LYS A 171 27.17 7.49 5.93
CA LYS A 171 27.98 6.29 5.87
C LYS A 171 29.47 6.62 5.97
N GLN A 172 29.95 7.38 4.99
CA GLN A 172 31.37 7.75 4.90
C GLN A 172 31.85 8.63 6.05
N VAL A 173 30.94 9.03 6.94
CA VAL A 173 31.32 9.75 8.15
C VAL A 173 31.33 8.82 9.36
N GLU A 174 30.15 8.37 9.76
CA GLU A 174 30.01 7.55 10.97
C GLU A 174 30.59 6.15 10.81
N GLU A 175 30.18 5.45 9.75
CA GLU A 175 30.66 4.09 9.50
C GLU A 175 32.15 4.09 9.19
N ALA A 176 32.61 5.15 8.55
CA ALA A 176 34.04 5.37 8.34
C ALA A 176 34.73 5.67 9.66
N GLY A 177 36.06 5.56 9.66
CA GLY A 177 36.86 5.65 10.87
C GLY A 177 36.52 6.80 11.80
N ASP A 178 36.64 6.52 13.10
CA ASP A 178 36.23 7.44 14.16
C ASP A 178 37.33 8.43 14.53
N LYS A 179 38.41 8.42 13.74
CA LYS A 179 39.55 9.31 13.95
C LYS A 179 39.10 10.74 14.21
N LEU A 180 38.07 11.18 13.49
CA LEU A 180 37.35 12.41 13.81
C LEU A 180 38.22 13.66 13.87
N PRO A 181 38.66 14.16 12.70
CA PRO A 181 39.38 15.44 12.64
C PRO A 181 38.63 16.52 13.39
N ALA A 182 39.35 17.44 14.04
CA ALA A 182 38.76 18.44 14.92
C ALA A 182 37.64 19.25 14.27
N ASP A 183 36.57 19.47 15.02
CA ASP A 183 35.46 20.33 14.60
C ASP A 183 34.62 19.79 13.43
N ASP A 184 34.99 18.63 12.91
CA ASP A 184 34.25 18.00 11.81
C ASP A 184 32.77 17.92 12.12
N LYS A 185 32.47 17.70 13.41
CA LYS A 185 31.11 17.54 13.90
C LYS A 185 30.19 18.62 13.37
N THR A 186 30.36 19.85 13.84
CA THR A 186 29.51 20.97 13.43
C THR A 186 29.40 21.10 11.90
N ALA A 187 30.54 21.00 11.23
CA ALA A 187 30.61 21.11 9.78
C ALA A 187 29.65 20.16 9.09
N ILE A 188 29.94 18.86 9.16
CA ILE A 188 29.07 17.89 8.47
C ILE A 188 27.67 17.79 9.10
N GLU A 189 27.55 18.29 10.33
CA GLU A 189 26.29 18.21 11.04
C GLU A 189 25.33 19.16 10.39
N SER A 190 25.60 20.46 10.46
CA SER A 190 24.70 21.41 9.81
C SER A 190 24.72 21.27 8.29
N ALA A 191 25.81 20.73 7.74
CA ALA A 191 25.84 20.42 6.31
C ALA A 191 24.74 19.42 5.94
N LEU A 192 24.89 18.19 6.43
CA LEU A 192 23.93 17.12 6.12
C LEU A 192 22.52 17.40 6.65
N THR A 193 22.43 18.17 7.74
CA THR A 193 21.15 18.53 8.34
C THR A 193 20.40 19.57 7.51
N ALA A 194 21.10 20.63 7.11
CA ALA A 194 20.50 21.62 6.24
C ALA A 194 20.14 20.95 4.92
N LEU A 195 20.97 20.00 4.51
CA LEU A 195 20.69 19.19 3.33
C LEU A 195 19.37 18.45 3.53
N GLU A 196 19.17 17.93 4.74
CA GLU A 196 17.92 17.26 5.10
C GLU A 196 16.77 18.21 4.92
N THR A 197 16.68 19.19 5.80
CA THR A 197 15.51 20.08 5.84
C THR A 197 15.33 20.87 4.55
N ALA A 198 16.33 20.83 3.68
CA ALA A 198 16.19 21.29 2.31
C ALA A 198 15.42 20.25 1.49
N LEU A 199 15.99 19.05 1.38
CA LEU A 199 15.37 17.97 0.61
C LEU A 199 13.96 17.60 1.10
N LYS A 200 13.68 17.90 2.35
CA LYS A 200 12.36 17.71 2.95
C LYS A 200 11.33 18.48 2.14
N GLY A 201 11.47 19.81 2.12
CA GLY A 201 10.67 20.64 1.24
C GLY A 201 11.18 20.48 -0.18
N GLU A 202 10.60 21.23 -1.11
CA GLU A 202 11.04 21.11 -2.50
C GLU A 202 11.43 22.43 -3.16
N ASP A 203 12.73 22.56 -3.41
CA ASP A 203 13.26 23.54 -4.34
C ASP A 203 14.52 22.92 -4.92
N LYS A 204 14.73 23.06 -6.23
CA LYS A 204 15.89 22.44 -6.86
C LYS A 204 17.17 23.16 -6.46
N ALA A 205 17.17 24.47 -6.67
CA ALA A 205 18.33 25.31 -6.38
C ALA A 205 18.81 25.14 -4.95
N ALA A 206 17.87 25.17 -4.00
CA ALA A 206 18.19 25.03 -2.59
C ALA A 206 18.85 23.70 -2.26
N ILE A 207 18.25 22.61 -2.74
CA ILE A 207 18.75 21.28 -2.43
C ILE A 207 20.13 21.01 -3.05
N GLU A 208 20.32 21.41 -4.32
CA GLU A 208 21.64 21.22 -4.93
C GLU A 208 22.70 22.13 -4.29
N ALA A 209 22.30 23.36 -3.96
CA ALA A 209 23.18 24.27 -3.26
C ALA A 209 23.66 23.63 -1.96
N LYS A 210 22.72 23.09 -1.19
CA LYS A 210 23.04 22.40 0.05
C LYS A 210 23.97 21.20 -0.21
N MET A 211 23.76 20.53 -1.35
CA MET A 211 24.65 19.45 -1.75
C MET A 211 26.08 19.95 -1.89
N GLN A 212 26.25 21.13 -2.49
CA GLN A 212 27.57 21.72 -2.63
C GLN A 212 28.15 22.11 -1.26
N GLU A 213 27.30 22.69 -0.42
CA GLU A 213 27.69 23.12 0.92
C GLU A 213 28.20 21.94 1.74
N LEU A 214 27.60 20.77 1.55
CA LEU A 214 28.05 19.56 2.21
C LEU A 214 29.20 18.91 1.46
N ALA A 215 29.39 19.33 0.20
CA ALA A 215 30.43 18.75 -0.65
C ALA A 215 31.80 19.33 -0.33
N GLN A 216 31.85 20.64 -0.10
CA GLN A 216 33.11 21.31 0.19
C GLN A 216 33.71 20.89 1.54
N VAL A 217 32.85 20.48 2.46
CA VAL A 217 33.28 20.10 3.81
C VAL A 217 33.52 18.61 3.93
N SER A 218 33.35 17.90 2.82
CA SER A 218 33.52 16.45 2.79
C SER A 218 34.94 16.07 2.39
N GLN A 219 35.79 17.09 2.26
CA GLN A 219 37.16 16.93 1.74
C GLN A 219 37.96 15.80 2.39
N LYS A 220 38.34 15.99 3.65
CA LYS A 220 39.17 15.01 4.35
C LYS A 220 38.36 13.85 4.89
N MET B 1 -24.95 -40.46 17.29
CA MET B 1 -24.20 -41.58 16.73
C MET B 1 -25.12 -42.61 16.09
N HIS B 2 -25.16 -43.79 16.67
CA HIS B 2 -26.15 -44.84 16.35
C HIS B 2 -26.01 -45.46 14.96
N HIS B 3 -25.25 -44.82 14.07
CA HIS B 3 -24.93 -45.42 12.79
C HIS B 3 -23.42 -45.47 12.70
N HIS B 4 -22.83 -44.32 12.40
CA HIS B 4 -21.41 -44.10 12.63
C HIS B 4 -21.23 -42.69 13.16
N HIS B 5 -20.72 -42.56 14.38
CA HIS B 5 -20.39 -41.24 14.87
C HIS B 5 -19.04 -40.90 14.28
N HIS B 6 -17.99 -41.52 14.83
CA HIS B 6 -16.66 -41.53 14.23
C HIS B 6 -16.25 -40.20 13.62
N HIS B 7 -15.98 -39.25 14.50
CA HIS B 7 -15.83 -37.85 14.14
C HIS B 7 -14.60 -37.57 13.29
N ILE B 8 -14.41 -36.30 12.96
CA ILE B 8 -13.54 -35.91 11.86
C ILE B 8 -12.21 -35.32 12.31
N GLU B 9 -11.42 -34.87 11.35
CA GLU B 9 -10.13 -34.26 11.62
C GLU B 9 -9.78 -33.29 10.49
N GLY B 10 -8.82 -32.40 10.74
CA GLY B 10 -8.37 -31.46 9.72
C GLY B 10 -7.74 -32.18 8.54
N ARG B 11 -8.07 -31.71 7.33
CA ARG B 11 -7.60 -32.34 6.10
C ARG B 11 -6.30 -31.71 5.61
N VAL B 12 -5.26 -32.53 5.52
CA VAL B 12 -3.95 -32.07 5.06
C VAL B 12 -3.25 -33.11 4.19
N LEU B 13 -2.63 -32.66 3.10
CA LEU B 13 -1.83 -33.56 2.30
C LEU B 13 -0.47 -33.69 2.95
N LEU B 14 0.34 -32.64 2.83
CA LEU B 14 1.63 -32.64 3.49
C LEU B 14 1.92 -31.34 4.25
N LEU B 15 2.23 -30.28 3.52
CA LEU B 15 2.65 -29.00 4.09
C LEU B 15 1.54 -27.97 4.15
N ASP B 16 0.30 -28.37 3.81
CA ASP B 16 -0.71 -27.39 3.44
C ASP B 16 -1.53 -26.90 4.63
N VAL B 17 -1.21 -25.67 5.04
CA VAL B 17 -1.89 -24.98 6.14
C VAL B 17 -1.51 -23.51 5.93
N THR B 18 -2.30 -22.57 6.45
CA THR B 18 -1.83 -21.18 6.47
C THR B 18 -1.00 -20.96 7.74
N PRO B 19 0.29 -20.65 7.56
CA PRO B 19 1.22 -20.47 8.67
C PRO B 19 0.93 -19.20 9.45
N LEU B 20 0.38 -18.22 8.76
CA LEU B 20 0.12 -16.92 9.35
C LEU B 20 -1.33 -16.53 9.12
N SER B 21 -1.95 -15.91 10.12
CA SER B 21 -3.34 -15.50 10.00
C SER B 21 -3.44 -14.39 8.98
N LEU B 22 -4.25 -14.62 7.95
CA LEU B 22 -4.44 -13.64 6.90
C LEU B 22 -5.59 -12.73 7.26
N GLY B 23 -5.43 -11.44 7.01
CA GLY B 23 -6.42 -10.48 7.42
C GLY B 23 -6.44 -9.22 6.59
N ILE B 24 -7.29 -8.30 7.00
CA ILE B 24 -7.49 -7.04 6.30
C ILE B 24 -7.50 -5.89 7.30
N GLU B 25 -6.83 -4.80 6.97
CA GLU B 25 -6.78 -3.68 7.91
C GLU B 25 -8.10 -2.92 7.96
N THR B 26 -8.57 -2.65 9.17
CA THR B 26 -9.78 -1.86 9.37
C THR B 26 -9.47 -0.62 10.21
N MET B 27 -10.46 0.22 10.43
CA MET B 27 -10.19 1.42 11.14
C MET B 27 -8.89 1.44 11.85
N GLY B 28 -8.67 2.57 12.47
CA GLY B 28 -7.85 2.71 13.65
C GLY B 28 -6.59 1.91 13.40
N GLY B 29 -6.48 1.43 12.16
CA GLY B 29 -5.37 0.60 11.77
C GLY B 29 -5.29 -0.67 12.59
N VAL B 30 -6.40 -1.40 12.65
CA VAL B 30 -6.41 -2.66 13.39
C VAL B 30 -6.71 -3.85 12.48
N MET B 31 -5.89 -4.89 12.60
CA MET B 31 -6.03 -6.06 11.74
C MET B 31 -7.27 -6.86 12.08
N THR B 32 -8.10 -7.07 11.06
CA THR B 32 -9.29 -7.91 11.18
C THR B 32 -9.01 -9.23 10.46
N THR B 33 -8.96 -10.32 11.21
CA THR B 33 -8.55 -11.59 10.65
C THR B 33 -9.71 -12.23 9.88
N LEU B 34 -9.51 -12.39 8.58
CA LEU B 34 -10.47 -13.09 7.74
C LEU B 34 -10.25 -14.60 7.78
N ILE B 35 -8.98 -15.00 7.73
CA ILE B 35 -8.61 -16.40 7.86
C ILE B 35 -7.56 -16.57 8.96
N ALA B 36 -7.91 -17.32 10.00
CA ALA B 36 -7.04 -17.51 11.14
C ALA B 36 -5.81 -18.31 10.77
N LYS B 37 -4.76 -18.17 11.57
CA LYS B 37 -3.53 -18.94 11.38
C LYS B 37 -3.83 -20.41 11.62
N ASN B 38 -2.99 -21.26 11.04
CA ASN B 38 -3.19 -22.71 11.12
C ASN B 38 -4.58 -23.12 10.69
N THR B 39 -4.91 -22.84 9.43
CA THR B 39 -6.17 -23.26 8.84
C THR B 39 -5.89 -24.17 7.66
N THR B 40 -6.58 -25.30 7.59
CA THR B 40 -6.43 -26.22 6.48
C THR B 40 -6.87 -25.52 5.21
N ILE B 41 -6.38 -25.97 4.07
CA ILE B 41 -6.75 -25.41 2.79
C ILE B 41 -7.19 -26.52 1.84
N PRO B 42 -8.02 -26.20 0.82
CA PRO B 42 -8.60 -24.91 0.47
C PRO B 42 -9.52 -24.32 1.54
N THR B 43 -9.62 -23.00 1.57
CA THR B 43 -10.43 -22.32 2.58
C THR B 43 -11.00 -21.04 2.00
N LYS B 44 -12.24 -20.73 2.35
CA LYS B 44 -12.88 -19.51 1.85
C LYS B 44 -13.67 -18.84 2.96
N HIS B 45 -13.45 -17.55 3.14
CA HIS B 45 -14.16 -16.80 4.17
C HIS B 45 -14.68 -15.47 3.65
N SER B 46 -15.97 -15.23 3.84
CA SER B 46 -16.58 -13.98 3.39
C SER B 46 -17.17 -13.18 4.56
N GLN B 47 -17.01 -11.87 4.52
CA GLN B 47 -17.61 -10.98 5.51
C GLN B 47 -18.13 -9.73 4.83
N VAL B 48 -18.89 -8.92 5.56
CA VAL B 48 -19.37 -7.65 5.01
C VAL B 48 -18.89 -6.45 5.84
N PHE B 49 -18.24 -5.52 5.15
CA PHE B 49 -17.72 -4.30 5.78
C PHE B 49 -18.42 -3.08 5.18
N SER B 50 -18.05 -1.89 5.63
CA SER B 50 -18.67 -0.67 5.12
C SER B 50 -17.86 0.61 5.35
N THR B 51 -18.45 1.73 4.93
CA THR B 51 -17.76 3.02 4.88
C THR B 51 -17.66 3.75 6.22
N ALA B 52 -16.64 4.60 6.34
CA ALA B 52 -16.42 5.40 7.54
C ALA B 52 -17.04 6.80 7.45
N GLU B 53 -17.54 7.16 6.27
CA GLU B 53 -18.13 8.48 6.07
C GLU B 53 -19.13 8.47 4.91
N ASP B 54 -20.03 9.45 4.89
CA ASP B 54 -21.03 9.53 3.82
C ASP B 54 -20.38 9.82 2.48
N ASN B 55 -20.80 9.09 1.45
CA ASN B 55 -20.21 9.19 0.13
C ASN B 55 -18.69 9.13 0.17
N GLN B 56 -18.17 7.99 0.61
CA GLN B 56 -16.73 7.84 0.81
C GLN B 56 -16.02 7.66 -0.53
N SER B 57 -16.79 7.47 -1.59
CA SER B 57 -16.26 7.11 -2.91
C SER B 57 -15.49 5.80 -2.80
N ALA B 58 -14.22 5.79 -3.19
CA ALA B 58 -13.49 4.54 -3.21
C ALA B 58 -13.17 4.04 -1.80
N VAL B 59 -12.56 2.86 -1.74
CA VAL B 59 -12.23 2.23 -0.47
C VAL B 59 -11.00 1.36 -0.65
N THR B 60 -10.14 1.33 0.36
CA THR B 60 -8.89 0.57 0.25
C THR B 60 -8.96 -0.75 1.00
N ILE B 61 -9.02 -1.84 0.24
CA ILE B 61 -8.88 -3.16 0.83
C ILE B 61 -7.38 -3.41 0.99
N HIS B 62 -6.98 -3.62 2.24
CA HIS B 62 -5.57 -3.74 2.57
C HIS B 62 -5.35 -5.12 3.17
N VAL B 63 -4.64 -5.97 2.44
CA VAL B 63 -4.41 -7.35 2.85
C VAL B 63 -3.06 -7.52 3.53
N LEU B 64 -3.10 -8.00 4.78
CA LEU B 64 -1.92 -8.21 5.60
C LEU B 64 -1.87 -9.61 6.17
N GLN B 65 -0.71 -9.96 6.72
CA GLN B 65 -0.51 -11.24 7.37
C GLN B 65 0.27 -11.09 8.66
N GLY B 66 -0.25 -11.68 9.74
CA GLY B 66 0.41 -11.65 11.03
C GLY B 66 -0.56 -11.90 12.16
N GLU B 67 -0.04 -12.09 13.38
CA GLU B 67 -0.87 -12.35 14.55
C GLU B 67 -1.10 -11.09 15.38
N ARG B 68 -0.48 -9.98 14.99
CA ARG B 68 -0.59 -8.74 15.74
C ARG B 68 -1.87 -7.99 15.40
N LYS B 69 -2.43 -7.32 16.39
CA LYS B 69 -3.69 -6.61 16.21
C LYS B 69 -3.50 -5.28 15.49
N ARG B 70 -2.38 -4.62 15.74
CA ARG B 70 -2.11 -3.32 15.14
C ARG B 70 -1.76 -3.42 13.67
N ALA B 71 -1.94 -2.31 12.94
CA ALA B 71 -1.60 -2.24 11.53
C ALA B 71 -0.13 -2.54 11.28
N ALA B 72 0.73 -1.62 11.72
CA ALA B 72 2.16 -1.67 11.41
C ALA B 72 2.90 -2.83 12.07
N ASP B 73 2.31 -3.40 13.12
CA ASP B 73 2.93 -4.51 13.83
C ASP B 73 2.89 -5.80 13.02
N ASN B 74 2.14 -5.77 11.91
CA ASN B 74 2.09 -6.92 11.02
C ASN B 74 2.91 -6.70 9.76
N LYS B 75 2.96 -7.71 8.91
CA LYS B 75 3.67 -7.62 7.64
C LYS B 75 2.65 -7.56 6.51
N SER B 76 2.64 -6.45 5.78
CA SER B 76 1.67 -6.26 4.71
C SER B 76 1.92 -7.22 3.56
N LEU B 77 0.89 -7.42 2.75
CA LEU B 77 0.91 -8.42 1.71
C LEU B 77 0.59 -7.75 0.40
N GLY B 78 -0.59 -7.16 0.33
CA GLY B 78 -0.98 -6.42 -0.85
C GLY B 78 -2.10 -5.48 -0.51
N GLN B 79 -2.70 -4.87 -1.53
CA GLN B 79 -3.86 -4.01 -1.34
C GLN B 79 -4.37 -3.56 -2.70
N PHE B 80 -5.60 -3.08 -2.72
CA PHE B 80 -6.20 -2.56 -3.93
C PHE B 80 -7.41 -1.74 -3.54
N ASN B 81 -8.09 -1.18 -4.53
CA ASN B 81 -9.15 -0.22 -4.26
C ASN B 81 -10.45 -0.53 -4.99
N LEU B 82 -11.57 -0.34 -4.32
CA LEU B 82 -12.88 -0.46 -4.94
C LEU B 82 -13.50 0.92 -5.01
N ASP B 83 -13.71 1.44 -6.22
CA ASP B 83 -14.23 2.79 -6.39
C ASP B 83 -15.62 2.80 -7.00
N GLY B 84 -16.17 4.00 -7.17
CA GLY B 84 -17.45 4.17 -7.82
C GLY B 84 -18.63 3.57 -7.07
N ILE B 85 -18.80 3.98 -5.82
CA ILE B 85 -19.96 3.50 -5.05
C ILE B 85 -20.82 4.67 -4.53
N ASN B 86 -22.13 4.45 -4.58
CA ASN B 86 -23.13 5.50 -4.36
C ASN B 86 -23.07 6.18 -3.00
N PRO B 87 -23.60 7.42 -2.90
CA PRO B 87 -23.64 8.11 -1.61
C PRO B 87 -24.57 7.41 -0.63
N ALA B 88 -24.15 7.35 0.63
CA ALA B 88 -24.88 6.63 1.68
C ALA B 88 -24.14 6.85 3.00
N PRO B 89 -24.89 6.87 4.10
CA PRO B 89 -24.27 7.11 5.42
C PRO B 89 -23.34 5.99 5.84
N ARG B 90 -22.70 6.15 7.00
CA ARG B 90 -21.76 5.17 7.52
C ARG B 90 -22.46 3.83 7.76
N GLY B 91 -21.81 2.75 7.36
CA GLY B 91 -22.33 1.42 7.61
C GLY B 91 -23.49 1.01 6.71
N MET B 92 -24.02 1.96 5.96
CA MET B 92 -25.17 1.70 5.10
C MET B 92 -24.89 0.73 3.94
N PRO B 93 -23.85 1.00 3.13
CA PRO B 93 -23.61 0.06 2.03
C PRO B 93 -23.01 -1.25 2.54
N GLN B 94 -23.31 -2.35 1.87
CA GLN B 94 -22.74 -3.63 2.27
C GLN B 94 -21.59 -3.98 1.34
N ILE B 95 -20.37 -3.91 1.85
CA ILE B 95 -19.19 -4.24 1.07
C ILE B 95 -18.68 -5.62 1.46
N GLU B 96 -18.82 -6.56 0.54
CA GLU B 96 -18.45 -7.94 0.82
C GLU B 96 -17.01 -8.22 0.45
N VAL B 97 -16.22 -8.62 1.45
CA VAL B 97 -14.83 -9.01 1.25
C VAL B 97 -14.69 -10.52 1.39
N THR B 98 -14.00 -11.13 0.43
CA THR B 98 -13.87 -12.57 0.34
C THR B 98 -12.42 -13.00 0.20
N PHE B 99 -11.96 -13.85 1.12
CA PHE B 99 -10.65 -14.46 1.02
C PHE B 99 -10.78 -15.90 0.59
N ASP B 100 -10.27 -16.22 -0.60
CA ASP B 100 -10.23 -17.60 -1.06
C ASP B 100 -8.78 -18.09 -1.10
N ILE B 101 -8.58 -19.37 -0.81
CA ILE B 101 -7.31 -20.03 -1.01
C ILE B 101 -7.59 -21.43 -1.53
N ASP B 102 -6.97 -21.80 -2.65
CA ASP B 102 -7.14 -23.14 -3.22
C ASP B 102 -6.02 -24.07 -2.76
N ALA B 103 -5.95 -25.25 -3.37
CA ALA B 103 -4.96 -26.27 -3.02
C ALA B 103 -3.53 -25.77 -3.14
N ASP B 104 -3.32 -24.79 -4.01
CA ASP B 104 -2.02 -24.14 -4.15
C ASP B 104 -1.87 -23.10 -3.05
N GLY B 105 -0.83 -22.27 -3.14
CA GLY B 105 -0.67 -21.19 -2.18
C GLY B 105 -1.48 -19.98 -2.59
N ILE B 106 -2.01 -20.02 -3.81
CA ILE B 106 -2.61 -18.84 -4.41
C ILE B 106 -3.97 -18.42 -3.81
N LEU B 107 -4.03 -17.16 -3.44
CA LEU B 107 -5.17 -16.56 -2.76
C LEU B 107 -5.92 -15.59 -3.68
N HIS B 108 -7.24 -15.55 -3.54
CA HIS B 108 -8.11 -14.69 -4.33
C HIS B 108 -8.86 -13.70 -3.41
N VAL B 109 -8.55 -12.41 -3.51
CA VAL B 109 -9.29 -11.41 -2.74
C VAL B 109 -10.42 -10.80 -3.56
N SER B 110 -11.66 -11.01 -3.13
CA SER B 110 -12.80 -10.41 -3.81
C SER B 110 -13.38 -9.28 -2.97
N ALA B 111 -13.85 -8.24 -3.64
CA ALA B 111 -14.53 -7.14 -2.97
C ALA B 111 -15.71 -6.72 -3.83
N LYS B 112 -16.90 -6.68 -3.23
CA LYS B 112 -18.10 -6.36 -3.99
C LYS B 112 -19.00 -5.39 -3.24
N ASP B 113 -19.86 -4.70 -3.97
CA ASP B 113 -20.88 -3.86 -3.36
C ASP B 113 -22.24 -4.38 -3.81
N LYS B 114 -22.98 -4.97 -2.86
CA LYS B 114 -24.24 -5.62 -3.16
C LYS B 114 -25.25 -4.65 -3.78
N ASN B 115 -25.41 -3.49 -3.15
CA ASN B 115 -26.33 -2.48 -3.64
C ASN B 115 -25.90 -1.91 -4.98
N SER B 116 -24.66 -1.43 -5.06
CA SER B 116 -24.15 -0.80 -6.26
C SER B 116 -23.93 -1.80 -7.38
N GLY B 117 -23.73 -3.07 -7.02
CA GLY B 117 -23.49 -4.11 -8.00
C GLY B 117 -22.03 -4.14 -8.42
N LYS B 118 -21.32 -3.05 -8.13
CA LYS B 118 -19.92 -2.91 -8.51
C LYS B 118 -19.08 -4.00 -7.85
N GLU B 119 -18.09 -4.50 -8.58
CA GLU B 119 -17.18 -5.48 -8.02
C GLU B 119 -15.76 -5.27 -8.51
N GLN B 120 -14.80 -5.68 -7.68
CA GLN B 120 -13.40 -5.70 -8.03
C GLN B 120 -12.78 -6.93 -7.39
N LYS B 121 -11.97 -7.66 -8.15
CA LYS B 121 -11.32 -8.84 -7.62
C LYS B 121 -9.85 -8.86 -8.02
N ILE B 122 -8.99 -9.28 -7.09
CA ILE B 122 -7.59 -9.46 -7.39
C ILE B 122 -7.11 -10.83 -6.95
N THR B 123 -5.94 -11.22 -7.44
CA THR B 123 -5.39 -12.53 -7.14
C THR B 123 -3.90 -12.40 -6.88
N ILE B 124 -3.44 -12.95 -5.76
CA ILE B 124 -2.01 -12.94 -5.43
C ILE B 124 -1.78 -14.25 -4.75
N LYS B 125 -0.64 -14.42 -4.10
CA LYS B 125 -0.35 -15.69 -3.45
C LYS B 125 0.18 -15.55 -2.04
N ALA B 126 -0.51 -16.22 -1.11
CA ALA B 126 0.12 -16.73 0.12
C ALA B 126 1.10 -15.78 0.78
N SER B 127 2.28 -16.33 1.09
CA SER B 127 3.39 -15.54 1.59
C SER B 127 4.06 -14.76 0.45
N SER B 128 4.78 -13.72 0.84
CA SER B 128 5.53 -12.88 -0.10
C SER B 128 6.60 -13.53 -1.00
N GLY B 129 7.47 -14.40 -0.48
CA GLY B 129 7.45 -14.93 0.87
C GLY B 129 8.54 -14.45 1.81
N LEU B 130 8.64 -15.15 2.94
CA LEU B 130 9.59 -14.85 4.00
C LEU B 130 10.09 -16.17 4.55
N ASN B 131 11.31 -16.21 5.08
CA ASN B 131 11.85 -17.44 5.62
C ASN B 131 11.20 -17.85 6.95
N GLU B 132 11.17 -19.15 7.22
CA GLU B 132 10.49 -19.70 8.39
C GLU B 132 10.98 -19.10 9.72
N ASP B 133 12.26 -18.73 9.75
CA ASP B 133 12.86 -18.09 10.91
C ASP B 133 12.11 -16.82 11.27
N GLU B 134 11.87 -16.00 10.24
CA GLU B 134 11.09 -14.78 10.39
C GLU B 134 9.75 -15.12 11.00
N ILE B 135 8.96 -15.91 10.27
CA ILE B 135 7.59 -16.24 10.68
C ILE B 135 7.53 -16.68 12.14
N GLN B 136 8.40 -17.62 12.49
CA GLN B 136 8.51 -18.08 13.86
C GLN B 136 8.80 -16.91 14.82
N LYS B 137 9.67 -16.00 14.39
CA LYS B 137 10.00 -14.84 15.22
C LYS B 137 8.78 -13.93 15.43
N MET B 138 8.05 -13.63 14.36
CA MET B 138 6.86 -12.80 14.45
C MET B 138 5.80 -13.43 15.34
N VAL B 139 5.69 -14.76 15.27
CA VAL B 139 4.76 -15.49 16.12
C VAL B 139 5.17 -15.40 17.60
N ARG B 140 6.44 -15.66 17.87
CA ARG B 140 6.97 -15.63 19.23
C ARG B 140 6.78 -14.25 19.84
N ASP B 141 7.05 -13.23 19.04
CA ASP B 141 6.91 -11.85 19.49
C ASP B 141 5.43 -11.47 19.60
N ALA B 142 4.59 -12.18 18.87
CA ALA B 142 3.15 -11.95 18.95
C ALA B 142 2.58 -12.48 20.26
N GLU B 143 2.96 -13.72 20.59
CA GLU B 143 2.62 -14.31 21.87
C GLU B 143 3.19 -13.47 22.99
N ALA B 144 4.37 -12.91 22.74
CA ALA B 144 4.99 -11.96 23.67
C ALA B 144 4.07 -10.77 23.94
N ASN B 145 3.77 -10.00 22.90
CA ASN B 145 2.93 -8.81 23.05
C ASN B 145 1.56 -9.12 23.66
N ALA B 146 0.78 -9.97 22.99
CA ALA B 146 -0.45 -10.52 23.55
C ALA B 146 -1.46 -9.51 24.11
N GLU B 147 -1.67 -9.57 25.41
CA GLU B 147 -2.66 -8.76 26.12
C GLU B 147 -2.52 -7.25 25.86
N ALA B 148 -1.31 -6.80 25.55
CA ALA B 148 -1.09 -5.41 25.17
C ALA B 148 -1.85 -5.12 23.88
N ASP B 149 -1.74 -6.03 22.92
CA ASP B 149 -2.46 -5.91 21.66
C ASP B 149 -3.95 -6.10 21.87
N ARG B 150 -4.33 -6.90 22.85
CA ARG B 150 -5.74 -7.08 23.20
C ARG B 150 -6.34 -5.75 23.67
N LYS B 151 -5.65 -5.13 24.62
CA LYS B 151 -6.04 -3.81 25.11
C LYS B 151 -6.04 -2.80 23.97
N PHE B 152 -5.14 -2.98 23.02
CA PHE B 152 -5.11 -2.15 21.83
C PHE B 152 -6.39 -2.32 21.01
N GLU B 153 -6.89 -3.56 20.94
CA GLU B 153 -8.11 -3.85 20.19
C GLU B 153 -9.33 -3.24 20.86
N GLU B 154 -9.46 -3.46 22.16
CA GLU B 154 -10.54 -2.84 22.93
C GLU B 154 -10.49 -1.33 22.73
N LEU B 155 -9.29 -0.78 22.81
CA LEU B 155 -9.02 0.63 22.58
C LEU B 155 -9.60 1.11 21.24
N VAL B 156 -9.06 0.61 20.14
CA VAL B 156 -9.50 1.06 18.82
C VAL B 156 -10.98 0.84 18.59
N GLN B 157 -11.54 -0.19 19.22
CA GLN B 157 -12.98 -0.42 19.17
C GLN B 157 -13.72 0.78 19.77
N THR B 158 -13.35 1.13 21.01
CA THR B 158 -13.90 2.33 21.65
C THR B 158 -13.72 3.54 20.74
N ARG B 159 -12.47 3.92 20.51
CA ARG B 159 -12.16 5.13 19.76
C ARG B 159 -12.94 5.24 18.45
N ASN B 160 -13.12 4.12 17.77
CA ASN B 160 -13.95 4.07 16.58
C ASN B 160 -15.41 4.40 16.89
N GLN B 161 -15.96 3.75 17.92
CA GLN B 161 -17.35 4.02 18.33
C GLN B 161 -17.58 5.49 18.70
N GLY B 162 -16.66 6.02 19.50
CA GLY B 162 -16.73 7.40 19.95
C GLY B 162 -16.57 8.38 18.81
N ASP B 163 -15.71 8.07 17.86
CA ASP B 163 -15.53 8.92 16.68
C ASP B 163 -16.82 8.93 15.88
N HIS B 164 -17.43 7.75 15.75
CA HIS B 164 -18.74 7.64 15.10
C HIS B 164 -19.74 8.55 15.81
N LEU B 165 -19.65 8.58 17.14
CA LEU B 165 -20.52 9.42 17.95
C LEU B 165 -20.30 10.91 17.70
N LEU B 166 -19.03 11.31 17.57
CA LEU B 166 -18.68 12.71 17.35
C LEU B 166 -19.15 13.17 15.98
N HIS B 167 -18.90 12.34 14.97
CA HIS B 167 -19.36 12.62 13.61
C HIS B 167 -20.87 12.74 13.60
N SER B 168 -21.55 11.78 14.22
CA SER B 168 -23.01 11.80 14.32
C SER B 168 -23.50 13.05 15.04
N THR B 169 -22.69 13.56 15.96
CA THR B 169 -23.06 14.73 16.75
C THR B 169 -22.98 15.99 15.90
N ARG B 170 -21.78 16.31 15.44
CA ARG B 170 -21.57 17.48 14.57
C ARG B 170 -22.56 17.46 13.39
N LYS B 171 -22.75 16.28 12.81
CA LYS B 171 -23.70 16.12 11.70
C LYS B 171 -25.15 16.36 12.13
N GLN B 172 -25.49 15.98 13.36
CA GLN B 172 -26.83 16.20 13.87
C GLN B 172 -27.07 17.67 14.20
N VAL B 173 -26.00 18.39 14.50
CA VAL B 173 -26.11 19.80 14.87
C VAL B 173 -26.32 20.72 13.66
N GLU B 174 -25.53 20.52 12.62
CA GLU B 174 -25.51 21.41 11.45
C GLU B 174 -25.25 22.86 11.86
N GLU B 175 -24.17 23.07 12.60
CA GLU B 175 -23.80 24.42 13.05
C GLU B 175 -23.43 25.32 11.87
N ASP B 183 -28.19 28.71 20.03
CA ASP B 183 -28.74 27.36 19.84
C ASP B 183 -29.30 26.68 21.11
N ASP B 184 -28.56 26.59 22.21
CA ASP B 184 -27.18 27.08 22.37
C ASP B 184 -26.23 25.90 22.54
N LYS B 185 -25.43 25.65 21.51
CA LYS B 185 -24.55 24.48 21.49
C LYS B 185 -23.12 24.77 21.92
N THR B 186 -22.87 26.02 22.34
CA THR B 186 -21.53 26.46 22.75
C THR B 186 -20.91 25.50 23.77
N ALA B 187 -21.69 25.18 24.80
CA ALA B 187 -21.26 24.22 25.81
C ALA B 187 -20.98 22.87 25.16
N ILE B 188 -21.89 22.44 24.29
CA ILE B 188 -21.74 21.17 23.58
C ILE B 188 -20.53 21.20 22.65
N GLU B 189 -20.21 22.38 22.12
CA GLU B 189 -19.10 22.52 21.18
C GLU B 189 -17.73 22.51 21.85
N SER B 190 -17.61 23.17 23.01
CA SER B 190 -16.34 23.15 23.72
C SER B 190 -16.17 21.85 24.51
N ALA B 191 -17.29 21.27 24.94
CA ALA B 191 -17.25 19.93 25.52
C ALA B 191 -16.80 18.94 24.44
N LEU B 192 -17.27 19.16 23.21
CA LEU B 192 -16.81 18.42 22.05
C LEU B 192 -15.31 18.57 21.92
N THR B 193 -14.86 19.81 21.69
CA THR B 193 -13.44 20.10 21.49
C THR B 193 -12.55 19.45 22.55
N ALA B 194 -13.01 19.50 23.80
CA ALA B 194 -12.30 18.85 24.90
C ALA B 194 -12.28 17.32 24.72
N LEU B 195 -13.46 16.76 24.43
CA LEU B 195 -13.60 15.32 24.28
C LEU B 195 -12.77 14.74 23.14
N GLU B 196 -12.65 15.51 22.06
CA GLU B 196 -11.85 15.13 20.91
C GLU B 196 -10.37 15.32 21.22
N THR B 197 -10.07 16.38 21.97
CA THR B 197 -8.71 16.63 22.43
C THR B 197 -8.22 15.45 23.26
N ALA B 198 -9.14 14.84 24.01
CA ALA B 198 -8.82 13.61 24.73
C ALA B 198 -8.83 12.41 23.78
N LEU B 199 -9.66 12.49 22.74
CA LEU B 199 -9.86 11.38 21.82
C LEU B 199 -8.64 11.12 20.95
N LYS B 200 -7.84 12.16 20.72
CA LYS B 200 -6.58 12.00 20.01
C LYS B 200 -5.70 10.99 20.72
N GLY B 201 -5.27 11.33 21.93
CA GLY B 201 -4.45 10.45 22.74
C GLY B 201 -5.22 9.24 23.25
N LYS B 204 -7.71 6.28 27.65
CA LYS B 204 -8.25 4.93 27.74
C LYS B 204 -9.73 4.94 28.10
N ALA B 205 -10.03 4.65 29.36
CA ALA B 205 -11.41 4.64 29.85
C ALA B 205 -11.96 6.06 29.94
N ALA B 206 -11.06 7.04 30.01
CA ALA B 206 -11.44 8.44 30.05
C ALA B 206 -12.12 8.85 28.74
N ILE B 207 -11.88 8.05 27.70
CA ILE B 207 -12.54 8.24 26.42
C ILE B 207 -13.99 7.77 26.50
N GLU B 208 -14.21 6.65 27.17
CA GLU B 208 -15.57 6.18 27.44
C GLU B 208 -16.29 7.22 28.28
N ALA B 209 -15.55 7.80 29.22
CA ALA B 209 -16.07 8.88 30.03
C ALA B 209 -16.43 10.09 29.17
N LYS B 210 -15.61 10.35 28.16
CA LYS B 210 -15.88 11.45 27.22
C LYS B 210 -17.17 11.20 26.45
N MET B 211 -17.35 9.95 26.02
CA MET B 211 -18.58 9.54 25.35
C MET B 211 -19.78 9.77 26.25
N GLN B 212 -19.63 9.41 27.53
CA GLN B 212 -20.67 9.65 28.51
C GLN B 212 -21.00 11.13 28.64
N GLU B 213 -19.96 11.96 28.69
CA GLU B 213 -20.11 13.40 28.85
C GLU B 213 -20.81 14.06 27.66
N LEU B 214 -20.46 13.63 26.46
CA LEU B 214 -21.11 14.15 25.27
C LEU B 214 -22.52 13.60 25.12
N ALA B 215 -22.77 12.45 25.74
CA ALA B 215 -24.11 11.88 25.76
C ALA B 215 -25.01 12.65 26.72
N GLN B 216 -24.44 13.14 27.82
CA GLN B 216 -25.20 13.83 28.85
C GLN B 216 -25.71 15.20 28.41
N VAL B 217 -24.91 15.92 27.63
CA VAL B 217 -25.25 17.27 27.18
C VAL B 217 -25.92 17.21 25.80
N SER B 218 -26.13 15.99 25.30
CA SER B 218 -26.83 15.77 24.04
C SER B 218 -28.16 16.50 23.97
C27 3JE C . 1.25 -18.56 3.32
C26 3JE C . 0.40 -17.57 3.76
C25 3JE C . -0.98 -17.76 3.71
C24 3JE C . -1.50 -18.94 3.19
C23 3JE C . -0.64 -19.94 2.75
C22 3JE C . 0.74 -19.75 2.82
C21 3JE C . 1.52 -20.67 2.41
C20 3JE C . 2.15 -21.59 2.02
P7 3JE C . 3.19 -22.75 1.52
C6 3JE C . 4.40 -22.02 0.49
C5 3JE C . 4.13 -20.82 -0.15
C4 3JE C . 5.08 -20.24 -0.98
C3 3JE C . 6.30 -20.86 -1.17
C2 3JE C . 6.58 -22.06 -0.53
C1 3JE C . 5.63 -22.65 0.29
C14 3JE C . 3.87 -23.49 2.94
C19 3JE C . 4.63 -24.65 2.85
C18 3JE C . 5.15 -25.22 4.01
C17 3JE C . 4.90 -24.63 5.24
C16 3JE C . 4.13 -23.47 5.33
C15 3JE C . 3.62 -22.91 4.17
C8 3JE C . 2.27 -23.90 0.58
C13 3JE C . 2.91 -24.70 -0.35
C12 3JE C . 2.19 -25.61 -1.10
C11 3JE C . 0.81 -25.74 -0.92
C10 3JE C . 0.18 -24.95 0.03
C9 3JE C . 0.90 -24.02 0.77
#